data_8YA8
#
_entry.id   8YA8
#
_cell.length_a   66.052
_cell.length_b   61.958
_cell.length_c   79.953
_cell.angle_alpha   90.00
_cell.angle_beta   95.14
_cell.angle_gamma   90.00
#
_symmetry.space_group_name_H-M   'P 1 21 1'
#
loop_
_entity.id
_entity.type
_entity.pdbx_description
1 polymer 'Regulator of telomere elongation helicase 1'
2 water water
#
_entity_poly.entity_id   1
_entity_poly.type   'polypeptide(L)'
_entity_poly.pdbx_seq_one_letter_code
;GVPRAGKQGQHAVSAYLADARRALGSAGCSQLLAALTAYKQDDDLDKVLAVLAALTTAKPEDFPLLHRFSMFVRPHHKQR
FSQTCTDLTG
;
_entity_poly.pdbx_strand_id   A,B,C,D,E,F,G
#
# COMPACT_ATOMS: atom_id res chain seq x y z
N HIS A 11 -25.48 14.66 -37.01
CA HIS A 11 -24.15 14.08 -37.14
C HIS A 11 -23.30 14.22 -35.88
N ALA A 12 -23.95 14.20 -34.71
CA ALA A 12 -23.23 14.37 -33.47
C ALA A 12 -22.47 13.11 -33.06
N VAL A 13 -22.98 11.92 -33.38
CA VAL A 13 -22.29 10.68 -33.01
C VAL A 13 -20.95 10.60 -33.72
N SER A 14 -20.95 10.90 -35.02
CA SER A 14 -19.73 10.82 -35.82
C SER A 14 -18.72 11.87 -35.38
N ALA A 15 -19.20 13.07 -35.03
CA ALA A 15 -18.29 14.09 -34.53
C ALA A 15 -17.61 13.63 -33.24
N TYR A 16 -18.37 13.01 -32.34
CA TYR A 16 -17.78 12.48 -31.11
C TYR A 16 -16.76 11.40 -31.42
N LEU A 17 -17.11 10.46 -32.29
CA LEU A 17 -16.17 9.38 -32.59
C LEU A 17 -14.88 9.92 -33.20
N ALA A 18 -15.00 10.91 -34.09
CA ALA A 18 -13.81 11.51 -34.70
C ALA A 18 -12.94 12.21 -33.68
N ASP A 19 -13.55 13.06 -32.84
CA ASP A 19 -12.77 13.77 -31.83
C ASP A 19 -12.11 12.81 -30.85
N ALA A 20 -12.85 11.78 -30.42
CA ALA A 20 -12.32 10.83 -29.47
C ALA A 20 -11.18 10.03 -30.06
N ARG A 21 -11.34 9.54 -31.29
CA ARG A 21 -10.23 8.83 -31.94
C ARG A 21 -9.02 9.74 -32.05
N ARG A 22 -9.20 10.98 -32.49
CA ARG A 22 -8.07 11.87 -32.66
C ARG A 22 -7.33 12.08 -31.35
N ALA A 23 -8.07 12.21 -30.24
CA ALA A 23 -7.41 12.51 -28.97
C ALA A 23 -6.79 11.27 -28.33
N LEU A 24 -7.45 10.12 -28.41
CA LEU A 24 -7.06 8.93 -27.66
C LEU A 24 -6.28 7.88 -28.46
N GLY A 25 -6.31 7.91 -29.79
CA GLY A 25 -5.72 6.85 -30.57
C GLY A 25 -6.70 5.71 -30.82
N SER A 26 -6.28 4.79 -31.69
CA SER A 26 -7.14 3.69 -32.09
C SER A 26 -7.49 2.80 -30.91
N ALA A 27 -6.48 2.43 -30.10
CA ALA A 27 -6.72 1.54 -28.98
C ALA A 27 -7.69 2.16 -27.98
N GLY A 28 -7.50 3.45 -27.67
CA GLY A 28 -8.40 4.11 -26.74
C GLY A 28 -9.82 4.20 -27.28
N CYS A 29 -9.95 4.56 -28.56
CA CYS A 29 -11.29 4.62 -29.16
C CYS A 29 -11.97 3.26 -29.12
N SER A 30 -11.23 2.20 -29.45
CA SER A 30 -11.81 0.86 -29.43
C SER A 30 -12.24 0.44 -28.02
N GLN A 31 -11.41 0.74 -27.01
CA GLN A 31 -11.77 0.41 -25.64
C GLN A 31 -13.04 1.14 -25.21
N LEU A 32 -13.11 2.44 -25.50
CA LEU A 32 -14.30 3.21 -25.16
C LEU A 32 -15.53 2.67 -25.89
N LEU A 33 -15.36 2.25 -27.14
CA LEU A 33 -16.49 1.72 -27.91
C LEU A 33 -16.96 0.39 -27.35
N ALA A 34 -16.04 -0.49 -26.96
CA ALA A 34 -16.42 -1.74 -26.30
C ALA A 34 -17.14 -1.48 -25.00
N ALA A 35 -16.66 -0.52 -24.21
CA ALA A 35 -17.37 -0.15 -22.99
C ALA A 35 -18.77 0.35 -23.31
N LEU A 36 -18.91 1.11 -24.39
CA LEU A 36 -20.21 1.64 -24.78
C LEU A 36 -21.17 0.52 -25.17
N THR A 37 -20.69 -0.50 -25.89
CA THR A 37 -21.58 -1.59 -26.22
C THR A 37 -21.94 -2.41 -24.98
N ALA A 38 -20.98 -2.61 -24.09
CA ALA A 38 -21.28 -3.26 -22.82
C ALA A 38 -22.38 -2.50 -22.08
N TYR A 39 -22.29 -1.17 -22.05
CA TYR A 39 -23.30 -0.39 -21.36
C TYR A 39 -24.66 -0.50 -22.05
N LYS A 40 -24.67 -0.48 -23.39
CA LYS A 40 -25.93 -0.66 -24.09
C LYS A 40 -26.55 -2.02 -23.81
N GLN A 41 -25.72 -3.03 -23.52
CA GLN A 41 -26.27 -4.35 -23.22
C GLN A 41 -26.72 -4.49 -21.77
N ASP A 42 -25.84 -4.23 -20.80
CA ASP A 42 -26.11 -4.58 -19.40
C ASP A 42 -26.62 -3.43 -18.52
N ASP A 43 -26.53 -2.18 -18.97
CA ASP A 43 -27.06 -1.02 -18.21
C ASP A 43 -26.29 -0.78 -16.91
N ASP A 44 -24.98 -0.94 -16.93
CA ASP A 44 -24.16 -0.75 -15.74
C ASP A 44 -23.40 0.56 -15.91
N LEU A 45 -23.92 1.63 -15.31
CA LEU A 45 -23.39 2.96 -15.55
C LEU A 45 -21.97 3.11 -15.02
N ASP A 46 -21.70 2.57 -13.84
CA ASP A 46 -20.42 2.83 -13.19
C ASP A 46 -19.25 2.21 -13.94
N LYS A 47 -19.45 1.05 -14.56
CA LYS A 47 -18.36 0.40 -15.29
C LYS A 47 -17.90 1.24 -16.48
N VAL A 48 -18.87 1.71 -17.29
CA VAL A 48 -18.50 2.50 -18.45
C VAL A 48 -17.99 3.87 -18.02
N LEU A 49 -18.52 4.42 -16.92
CA LEU A 49 -17.93 5.65 -16.39
C LEU A 49 -16.49 5.43 -15.95
N ALA A 50 -16.18 4.25 -15.43
CA ALA A 50 -14.79 3.95 -15.08
C ALA A 50 -13.91 4.00 -16.32
N VAL A 51 -14.32 3.32 -17.40
CA VAL A 51 -13.51 3.32 -18.62
C VAL A 51 -13.36 4.74 -19.17
N LEU A 52 -14.46 5.48 -19.23
CA LEU A 52 -14.43 6.83 -19.78
C LEU A 52 -13.58 7.77 -18.95
N ALA A 53 -13.68 7.68 -17.62
CA ALA A 53 -12.89 8.54 -16.74
C ALA A 53 -11.40 8.20 -16.81
N ALA A 54 -11.08 6.91 -16.92
CA ALA A 54 -9.68 6.55 -17.08
C ALA A 54 -9.11 7.10 -18.37
N LEU A 55 -9.91 7.07 -19.45
CA LEU A 55 -9.37 7.50 -20.75
C LEU A 55 -9.31 9.02 -20.89
N THR A 56 -10.30 9.74 -20.39
CA THR A 56 -10.46 11.15 -20.75
C THR A 56 -9.98 12.14 -19.68
N THR A 57 -9.90 11.75 -18.41
CA THR A 57 -9.55 12.72 -17.36
C THR A 57 -8.04 12.85 -17.12
N ALA A 58 -7.22 12.08 -17.84
CA ALA A 58 -5.77 12.20 -17.65
C ALA A 58 -5.26 13.57 -18.06
N LYS A 59 -5.76 14.13 -19.18
CA LYS A 59 -5.36 15.45 -19.61
C LYS A 59 -6.55 16.39 -19.57
N PRO A 60 -6.40 17.61 -19.05
CA PRO A 60 -7.56 18.52 -18.95
C PRO A 60 -8.16 18.88 -20.30
N GLU A 61 -7.33 18.97 -21.35
CA GLU A 61 -7.87 19.27 -22.67
C GLU A 61 -8.84 18.21 -23.16
N ASP A 62 -8.71 16.97 -22.68
CA ASP A 62 -9.65 15.90 -23.04
C ASP A 62 -10.93 15.93 -22.21
N PHE A 63 -11.03 16.84 -21.22
CA PHE A 63 -12.22 16.89 -20.37
C PHE A 63 -13.52 17.02 -21.16
N PRO A 64 -13.61 17.82 -22.22
CA PRO A 64 -14.90 17.90 -22.95
C PRO A 64 -15.44 16.55 -23.39
N LEU A 65 -14.57 15.63 -23.85
CA LEU A 65 -15.05 14.33 -24.30
C LEU A 65 -15.93 13.68 -23.25
N LEU A 66 -15.46 13.65 -22.01
CA LEU A 66 -16.27 13.15 -20.90
C LEU A 66 -17.64 13.78 -20.88
N HIS A 67 -17.68 15.13 -20.85
CA HIS A 67 -18.96 15.81 -20.77
C HIS A 67 -19.85 15.47 -21.96
N ARG A 68 -19.25 15.32 -23.14
CA ARG A 68 -20.03 15.06 -24.33
C ARG A 68 -20.55 13.63 -24.42
N PHE A 69 -20.07 12.72 -23.57
CA PHE A 69 -20.57 11.36 -23.58
C PHE A 69 -22.04 11.24 -23.18
N SER A 70 -22.63 12.33 -22.65
CA SER A 70 -24.02 12.32 -22.19
C SER A 70 -25.01 11.87 -23.26
N MET A 71 -24.65 11.98 -24.54
CA MET A 71 -25.58 11.60 -25.60
C MET A 71 -25.92 10.12 -25.55
N PHE A 72 -24.99 9.28 -25.09
CA PHE A 72 -25.22 7.84 -25.11
C PHE A 72 -25.95 7.33 -23.87
N VAL A 73 -26.10 8.16 -22.84
CA VAL A 73 -26.67 7.73 -21.57
C VAL A 73 -28.20 7.69 -21.64
N ARG A 74 -28.78 6.62 -21.13
CA ARG A 74 -30.23 6.50 -21.03
C ARG A 74 -30.77 7.53 -20.04
N PRO A 75 -32.06 7.89 -20.13
CA PRO A 75 -32.56 9.02 -19.32
C PRO A 75 -32.41 8.85 -17.82
N HIS A 76 -32.73 7.68 -17.26
CA HIS A 76 -32.71 7.54 -15.81
C HIS A 76 -31.31 7.65 -15.21
N HIS A 77 -30.27 7.50 -16.02
CA HIS A 77 -28.90 7.67 -15.56
C HIS A 77 -28.34 9.07 -15.82
N LYS A 78 -29.11 9.98 -16.41
CA LYS A 78 -28.54 11.25 -16.85
C LYS A 78 -27.92 12.03 -15.70
N GLN A 79 -28.73 12.41 -14.69
CA GLN A 79 -28.23 13.28 -13.64
C GLN A 79 -27.04 12.68 -12.91
N ARG A 80 -27.16 11.43 -12.46
CA ARG A 80 -26.01 10.82 -11.78
C ARG A 80 -24.76 11.05 -12.62
N PHE A 81 -24.84 10.70 -13.91
CA PHE A 81 -23.72 10.89 -14.81
C PHE A 81 -23.26 12.34 -14.80
N SER A 82 -24.20 13.26 -14.98
CA SER A 82 -23.85 14.68 -14.96
C SER A 82 -23.15 15.01 -13.66
N GLN A 83 -23.74 14.60 -12.54
CA GLN A 83 -23.10 14.83 -11.26
C GLN A 83 -21.70 14.24 -11.26
N THR A 84 -21.59 12.97 -11.62
CA THR A 84 -20.29 12.31 -11.60
C THR A 84 -19.30 13.06 -12.46
N CYS A 85 -19.75 13.64 -13.57
CA CYS A 85 -18.85 14.39 -14.43
C CYS A 85 -18.18 15.51 -13.65
N THR A 86 -18.98 16.33 -12.97
CA THR A 86 -18.40 17.40 -12.20
C THR A 86 -17.45 16.86 -11.13
N ASP A 87 -17.79 15.70 -10.55
CA ASP A 87 -16.97 15.14 -9.49
C ASP A 87 -15.61 14.73 -10.01
N LEU A 88 -15.53 14.38 -11.30
CA LEU A 88 -14.27 14.00 -11.90
C LEU A 88 -13.51 15.19 -12.46
N THR A 89 -14.19 16.32 -12.66
CA THR A 89 -13.54 17.48 -13.26
C THR A 89 -13.15 18.52 -12.23
N GLY A 90 -14.00 18.78 -11.25
CA GLY A 90 -13.74 19.80 -10.24
C GLY A 90 -14.20 21.16 -10.72
N GLN B 10 -4.03 15.25 14.01
CA GLN B 10 -2.96 14.49 14.64
C GLN B 10 -1.67 15.31 14.67
N HIS B 11 -1.84 16.61 14.93
CA HIS B 11 -0.75 17.59 15.01
C HIS B 11 -0.05 17.78 13.66
N ALA B 12 -0.79 17.51 12.58
CA ALA B 12 -0.24 17.68 11.24
C ALA B 12 -0.23 19.15 10.83
N VAL B 13 -1.22 19.92 11.28
CA VAL B 13 -1.27 21.35 10.97
C VAL B 13 -0.09 22.08 11.59
N SER B 14 0.22 21.80 12.86
CA SER B 14 1.33 22.48 13.51
C SER B 14 2.66 22.06 12.88
N ALA B 15 2.78 20.79 12.51
CA ALA B 15 4.00 20.33 11.85
C ALA B 15 4.16 21.00 10.50
N TYR B 16 3.08 21.15 9.74
CA TYR B 16 3.16 21.87 8.48
C TYR B 16 3.59 23.30 8.70
N LEU B 17 2.96 23.98 9.67
CA LEU B 17 3.30 25.38 9.90
C LEU B 17 4.77 25.53 10.29
N ALA B 18 5.27 24.59 11.10
CA ALA B 18 6.67 24.62 11.49
C ALA B 18 7.58 24.46 10.28
N ASP B 19 7.27 23.46 9.44
CA ASP B 19 8.09 23.24 8.25
C ASP B 19 8.04 24.44 7.30
N ALA B 20 6.84 25.01 7.13
CA ALA B 20 6.68 26.13 6.22
C ALA B 20 7.46 27.35 6.71
N ARG B 21 7.36 27.67 8.00
CA ARG B 21 8.18 28.75 8.53
C ARG B 21 9.67 28.47 8.33
N ARG B 22 10.12 27.25 8.62
CA ARG B 22 11.54 26.93 8.47
C ARG B 22 12.03 27.11 7.03
N ALA B 23 11.23 26.66 6.06
CA ALA B 23 11.68 26.69 4.66
C ALA B 23 11.46 28.06 4.02
N LEU B 24 10.38 28.74 4.36
CA LEU B 24 9.96 29.94 3.67
C LEU B 24 10.33 31.25 4.37
N GLY B 25 10.65 31.23 5.65
CA GLY B 25 10.86 32.46 6.39
C GLY B 25 9.58 33.01 6.98
N SER B 26 9.75 34.04 7.82
CA SER B 26 8.61 34.62 8.52
C SER B 26 7.62 35.24 7.54
N ALA B 27 8.13 36.09 6.63
CA ALA B 27 7.26 36.78 5.69
C ALA B 27 6.57 35.79 4.76
N GLY B 28 7.33 34.80 4.26
CA GLY B 28 6.73 33.83 3.36
C GLY B 28 5.64 33.01 4.04
N CYS B 29 5.89 32.56 5.26
CA CYS B 29 4.87 31.82 5.99
C CYS B 29 3.63 32.67 6.22
N SER B 30 3.81 33.94 6.60
CA SER B 30 2.64 34.79 6.83
C SER B 30 1.85 35.03 5.53
N GLN B 31 2.55 35.23 4.41
CA GLN B 31 1.85 35.41 3.13
C GLN B 31 1.03 34.18 2.80
N LEU B 32 1.63 33.00 2.97
CA LEU B 32 0.92 31.76 2.68
C LEU B 32 -0.29 31.61 3.59
N LEU B 33 -0.18 31.99 4.86
CA LEU B 33 -1.31 31.85 5.77
C LEU B 33 -2.42 32.84 5.42
N ALA B 34 -2.05 34.05 5.01
CA ALA B 34 -3.07 34.99 4.56
C ALA B 34 -3.82 34.44 3.35
N ALA B 35 -3.09 33.83 2.41
CA ALA B 35 -3.76 33.18 1.29
C ALA B 35 -4.68 32.06 1.75
N LEU B 36 -4.24 31.28 2.75
CA LEU B 36 -5.05 30.16 3.24
C LEU B 36 -6.36 30.64 3.86
N THR B 37 -6.32 31.70 4.66
CA THR B 37 -7.56 32.17 5.24
C THR B 37 -8.46 32.82 4.19
N ALA B 38 -7.88 33.56 3.25
CA ALA B 38 -8.67 34.08 2.14
C ALA B 38 -9.41 32.96 1.45
N TYR B 39 -8.73 31.83 1.21
CA TYR B 39 -9.37 30.68 0.58
C TYR B 39 -10.45 30.08 1.49
N LYS B 40 -10.17 30.00 2.80
CA LYS B 40 -11.14 29.48 3.75
C LYS B 40 -12.42 30.30 3.75
N GLN B 41 -12.32 31.59 3.46
CA GLN B 41 -13.52 32.43 3.38
C GLN B 41 -14.18 32.36 2.00
N ASP B 42 -13.43 32.67 0.93
CA ASP B 42 -14.06 32.89 -0.38
C ASP B 42 -14.08 31.67 -1.28
N ASP B 43 -13.28 30.64 -0.98
CA ASP B 43 -13.32 29.37 -1.71
C ASP B 43 -12.78 29.51 -3.15
N ASP B 44 -11.73 30.31 -3.35
CA ASP B 44 -11.11 30.50 -4.66
C ASP B 44 -9.78 29.74 -4.67
N LEU B 45 -9.81 28.55 -5.26
CA LEU B 45 -8.67 27.64 -5.18
C LEU B 45 -7.46 28.20 -5.91
N ASP B 46 -7.67 28.82 -7.07
CA ASP B 46 -6.55 29.22 -7.90
C ASP B 46 -5.74 30.34 -7.28
N LYS B 47 -6.37 31.26 -6.55
CA LYS B 47 -5.63 32.38 -5.95
C LYS B 47 -4.59 31.87 -4.96
N VAL B 48 -5.05 31.03 -4.02
CA VAL B 48 -4.13 30.55 -3.00
C VAL B 48 -3.15 29.58 -3.61
N LEU B 49 -3.58 28.80 -4.60
CA LEU B 49 -2.64 27.92 -5.27
C LEU B 49 -1.55 28.70 -5.99
N ALA B 50 -1.88 29.87 -6.52
CA ALA B 50 -0.87 30.74 -7.12
C ALA B 50 0.14 31.20 -6.08
N VAL B 51 -0.35 31.68 -4.93
CA VAL B 51 0.57 32.13 -3.85
C VAL B 51 1.44 30.96 -3.41
N LEU B 52 0.85 29.79 -3.17
CA LEU B 52 1.60 28.61 -2.68
C LEU B 52 2.64 28.20 -3.71
N ALA B 53 2.28 28.22 -5.00
CA ALA B 53 3.23 27.78 -6.04
C ALA B 53 4.45 28.70 -6.05
N ALA B 54 4.25 30.01 -5.96
CA ALA B 54 5.41 30.93 -6.05
C ALA B 54 6.36 30.65 -4.90
N LEU B 55 5.82 30.46 -3.69
CA LEU B 55 6.64 30.19 -2.48
C LEU B 55 7.30 28.81 -2.50
N THR B 56 6.61 27.76 -2.96
CA THR B 56 7.13 26.36 -2.82
C THR B 56 7.77 25.78 -4.09
N THR B 57 7.46 26.28 -5.27
CA THR B 57 8.03 25.67 -6.47
C THR B 57 9.32 26.35 -6.94
N ALA B 58 9.81 27.37 -6.23
CA ALA B 58 11.04 28.03 -6.65
C ALA B 58 12.25 27.10 -6.61
N LYS B 59 12.37 26.31 -5.54
CA LYS B 59 13.44 25.33 -5.35
C LYS B 59 12.86 23.92 -5.20
N PRO B 60 13.51 22.89 -5.75
CA PRO B 60 12.92 21.54 -5.76
C PRO B 60 12.60 20.96 -4.39
N GLU B 61 13.44 21.22 -3.38
CA GLU B 61 13.19 20.69 -2.04
C GLU B 61 11.89 21.21 -1.43
N ASP B 62 11.41 22.37 -1.87
CA ASP B 62 10.14 22.87 -1.36
C ASP B 62 8.94 22.22 -2.02
N PHE B 63 9.14 21.34 -3.00
CA PHE B 63 7.98 20.67 -3.60
C PHE B 63 7.13 19.90 -2.59
N PRO B 64 7.68 19.19 -1.61
CA PRO B 64 6.81 18.52 -0.63
C PRO B 64 5.83 19.45 0.08
N LEU B 65 6.26 20.66 0.48
CA LEU B 65 5.31 21.59 1.10
C LEU B 65 4.09 21.81 0.22
N LEU B 66 4.33 22.08 -1.08
CA LEU B 66 3.25 22.16 -2.06
C LEU B 66 2.32 20.95 -1.93
N HIS B 67 2.88 19.75 -2.01
CA HIS B 67 2.07 18.55 -1.93
C HIS B 67 1.35 18.47 -0.59
N ARG B 68 2.04 18.86 0.50
CA ARG B 68 1.43 18.70 1.81
C ARG B 68 0.31 19.70 2.02
N PHE B 69 0.23 20.73 1.18
CA PHE B 69 -0.89 21.64 1.29
C PHE B 69 -2.20 20.93 1.04
N SER B 70 -2.16 19.69 0.55
CA SER B 70 -3.38 18.94 0.32
C SER B 70 -4.21 18.84 1.58
N MET B 71 -3.59 18.99 2.77
CA MET B 71 -4.36 18.88 4.00
C MET B 71 -5.38 20.01 4.15
N PHE B 72 -5.08 21.21 3.63
CA PHE B 72 -5.97 22.34 3.77
C PHE B 72 -7.02 22.44 2.67
N VAL B 73 -6.89 21.63 1.61
CA VAL B 73 -7.77 21.70 0.46
C VAL B 73 -9.08 20.98 0.76
N ARG B 74 -10.20 21.60 0.36
CA ARG B 74 -11.50 20.97 0.54
C ARG B 74 -11.64 19.70 -0.32
N PRO B 75 -12.54 18.80 0.10
CA PRO B 75 -12.64 17.52 -0.63
C PRO B 75 -13.02 17.69 -2.08
N HIS B 76 -13.99 18.55 -2.41
CA HIS B 76 -14.40 18.70 -3.80
C HIS B 76 -13.34 19.39 -4.67
N HIS B 77 -12.35 20.05 -4.06
CA HIS B 77 -11.28 20.73 -4.79
C HIS B 77 -10.04 19.87 -4.98
N LYS B 78 -10.07 18.62 -4.51
CA LYS B 78 -8.89 17.77 -4.57
C LYS B 78 -8.46 17.54 -6.03
N GLN B 79 -9.42 17.21 -6.90
CA GLN B 79 -9.11 16.88 -8.29
C GLN B 79 -8.33 18.02 -8.97
N ARG B 80 -8.89 19.23 -8.92
CA ARG B 80 -8.23 20.41 -9.50
C ARG B 80 -6.84 20.61 -8.92
N PHE B 81 -6.73 20.51 -7.59
CA PHE B 81 -5.45 20.64 -6.89
C PHE B 81 -4.44 19.67 -7.48
N SER B 82 -4.84 18.42 -7.62
CA SER B 82 -3.97 17.39 -8.19
C SER B 82 -3.52 17.76 -9.59
N GLN B 83 -4.47 18.19 -10.43
CA GLN B 83 -4.12 18.62 -11.78
C GLN B 83 -3.05 19.72 -11.76
N THR B 84 -3.30 20.78 -10.99
CA THR B 84 -2.33 21.86 -10.90
C THR B 84 -0.97 21.38 -10.41
N CYS B 85 -0.95 20.47 -9.44
CA CYS B 85 0.32 19.90 -8.99
C CYS B 85 1.03 19.21 -10.16
N THR B 86 0.29 18.42 -10.93
CA THR B 86 0.88 17.74 -12.08
C THR B 86 1.45 18.73 -13.08
N ASP B 87 0.76 19.87 -13.27
CA ASP B 87 1.24 20.88 -14.22
C ASP B 87 2.50 21.58 -13.72
N LEU B 88 2.67 21.66 -12.40
CA LEU B 88 3.84 22.33 -11.86
C LEU B 88 5.08 21.44 -11.79
N THR B 89 4.89 20.12 -11.85
CA THR B 89 5.99 19.17 -11.73
C THR B 89 6.43 18.69 -13.11
N HIS C 11 -0.73 8.35 -25.48
CA HIS C 11 -1.56 7.15 -25.48
C HIS C 11 -1.07 6.09 -24.50
N ALA C 12 -0.46 6.54 -23.39
CA ALA C 12 0.07 5.60 -22.41
C ALA C 12 -1.04 4.94 -21.62
N VAL C 13 -2.14 5.65 -21.38
CA VAL C 13 -3.24 5.10 -20.62
C VAL C 13 -3.85 3.91 -21.38
N SER C 14 -4.02 4.07 -22.69
CA SER C 14 -4.61 3.01 -23.50
C SER C 14 -3.72 1.78 -23.51
N ALA C 15 -2.40 1.99 -23.57
CA ALA C 15 -1.47 0.87 -23.50
C ALA C 15 -1.57 0.15 -22.17
N TYR C 16 -1.67 0.91 -21.07
CA TYR C 16 -1.83 0.31 -19.75
C TYR C 16 -3.11 -0.51 -19.68
N LEU C 17 -4.23 0.05 -20.15
CA LEU C 17 -5.50 -0.64 -20.10
C LEU C 17 -5.45 -1.93 -20.90
N ALA C 18 -4.81 -1.89 -22.08
CA ALA C 18 -4.68 -3.10 -22.90
C ALA C 18 -3.86 -4.15 -22.16
N ASP C 19 -2.73 -3.74 -21.57
CA ASP C 19 -1.86 -4.67 -20.85
C ASP C 19 -2.59 -5.29 -19.65
N ALA C 20 -3.35 -4.46 -18.93
CA ALA C 20 -4.10 -4.94 -17.78
C ALA C 20 -5.19 -5.92 -18.19
N ARG C 21 -5.91 -5.60 -19.27
CA ARG C 21 -6.88 -6.54 -19.80
C ARG C 21 -6.23 -7.88 -20.14
N ARG C 22 -5.09 -7.83 -20.83
CA ARG C 22 -4.43 -9.06 -21.27
C ARG C 22 -3.97 -9.91 -20.08
N ALA C 23 -3.37 -9.28 -19.07
CA ALA C 23 -2.76 -9.97 -17.93
C ALA C 23 -3.75 -10.38 -16.84
N LEU C 24 -4.75 -9.54 -16.59
CA LEU C 24 -5.65 -9.70 -15.45
C LEU C 24 -7.00 -10.33 -15.82
N GLY C 25 -7.41 -10.26 -17.09
CA GLY C 25 -8.72 -10.69 -17.48
C GLY C 25 -9.75 -9.57 -17.39
N SER C 26 -10.96 -9.88 -17.88
CA SER C 26 -12.03 -8.89 -17.96
C SER C 26 -12.43 -8.38 -16.57
N ALA C 27 -12.73 -9.30 -15.65
CA ALA C 27 -13.19 -8.93 -14.32
C ALA C 27 -12.09 -8.18 -13.56
N GLY C 28 -10.85 -8.65 -13.66
CA GLY C 28 -9.76 -7.99 -12.94
C GLY C 28 -9.53 -6.56 -13.40
N CYS C 29 -9.56 -6.35 -14.71
CA CYS C 29 -9.44 -4.98 -15.23
C CYS C 29 -10.58 -4.11 -14.76
N SER C 30 -11.81 -4.63 -14.80
CA SER C 30 -12.95 -3.81 -14.35
C SER C 30 -12.85 -3.48 -12.87
N GLN C 31 -12.43 -4.44 -12.04
CA GLN C 31 -12.25 -4.17 -10.62
C GLN C 31 -11.20 -3.09 -10.41
N LEU C 32 -10.08 -3.19 -11.13
CA LEU C 32 -9.04 -2.17 -11.01
C LEU C 32 -9.57 -0.79 -11.44
N LEU C 33 -10.39 -0.75 -12.49
CA LEU C 33 -10.92 0.53 -12.95
C LEU C 33 -11.93 1.12 -11.96
N ALA C 34 -12.76 0.25 -11.36
CA ALA C 34 -13.65 0.72 -10.32
C ALA C 34 -12.87 1.28 -9.14
N ALA C 35 -11.78 0.62 -8.76
CA ALA C 35 -10.91 1.15 -7.71
C ALA C 35 -10.33 2.50 -8.12
N LEU C 36 -9.95 2.64 -9.38
CA LEU C 36 -9.36 3.90 -9.85
C LEU C 36 -10.37 5.04 -9.80
N THR C 37 -11.60 4.80 -10.21
CA THR C 37 -12.59 5.88 -10.15
C THR C 37 -12.97 6.21 -8.70
N ALA C 38 -13.12 5.17 -7.86
CA ALA C 38 -13.36 5.43 -6.44
C ALA C 38 -12.26 6.28 -5.85
N TYR C 39 -11.01 6.00 -6.22
CA TYR C 39 -9.89 6.79 -5.73
C TYR C 39 -9.95 8.21 -6.26
N LYS C 40 -10.31 8.38 -7.54
CA LYS C 40 -10.44 9.73 -8.08
C LYS C 40 -11.50 10.52 -7.32
N GLN C 41 -12.52 9.85 -6.80
CA GLN C 41 -13.54 10.57 -6.06
C GLN C 41 -13.13 10.85 -4.61
N ASP C 42 -12.72 9.83 -3.86
CA ASP C 42 -12.55 10.02 -2.42
C ASP C 42 -11.13 10.38 -2.00
N ASP C 43 -10.13 10.23 -2.87
CA ASP C 43 -8.73 10.58 -2.57
C ASP C 43 -8.12 9.66 -1.51
N ASP C 44 -8.46 8.38 -1.55
CA ASP C 44 -7.98 7.42 -0.54
C ASP C 44 -6.97 6.47 -1.19
N LEU C 45 -5.68 6.75 -0.96
CA LEU C 45 -4.61 6.00 -1.62
C LEU C 45 -4.61 4.55 -1.20
N ASP C 46 -4.84 4.27 0.08
CA ASP C 46 -4.61 2.94 0.61
C ASP C 46 -5.61 1.93 0.06
N LYS C 47 -6.86 2.35 -0.16
CA LYS C 47 -7.86 1.42 -0.67
C LYS C 47 -7.51 0.91 -2.06
N VAL C 48 -7.21 1.85 -2.97
CA VAL C 48 -6.92 1.46 -4.34
C VAL C 48 -5.56 0.79 -4.43
N LEU C 49 -4.61 1.20 -3.60
CA LEU C 49 -3.34 0.51 -3.60
C LEU C 49 -3.50 -0.95 -3.15
N ALA C 50 -4.43 -1.20 -2.21
CA ALA C 50 -4.74 -2.58 -1.83
C ALA C 50 -5.31 -3.38 -2.99
N VAL C 51 -6.29 -2.81 -3.69
CA VAL C 51 -6.84 -3.54 -4.84
C VAL C 51 -5.76 -3.82 -5.88
N LEU C 52 -4.93 -2.83 -6.18
CA LEU C 52 -3.89 -3.00 -7.18
C LEU C 52 -2.88 -4.07 -6.76
N ALA C 53 -2.47 -4.05 -5.48
CA ALA C 53 -1.50 -5.02 -5.03
C ALA C 53 -2.08 -6.42 -5.06
N ALA C 54 -3.35 -6.56 -4.69
CA ALA C 54 -4.00 -7.86 -4.74
C ALA C 54 -4.03 -8.40 -6.16
N LEU C 55 -4.26 -7.52 -7.15
CA LEU C 55 -4.41 -8.01 -8.51
C LEU C 55 -3.06 -8.30 -9.18
N THR C 56 -2.04 -7.45 -8.96
CA THR C 56 -0.84 -7.49 -9.77
C THR C 56 0.35 -8.20 -9.13
N THR C 57 0.39 -8.34 -7.82
CA THR C 57 1.56 -8.92 -7.17
C THR C 57 1.52 -10.43 -7.04
N ALA C 58 0.45 -11.08 -7.52
CA ALA C 58 0.37 -12.54 -7.41
C ALA C 58 1.44 -13.24 -8.24
N LYS C 59 1.69 -12.78 -9.46
CA LYS C 59 2.72 -13.37 -10.30
C LYS C 59 3.78 -12.33 -10.65
N PRO C 60 5.07 -12.70 -10.62
CA PRO C 60 6.12 -11.70 -10.86
C PRO C 60 6.02 -11.02 -12.21
N GLU C 61 5.57 -11.73 -13.25
CA GLU C 61 5.41 -11.09 -14.56
C GLU C 61 4.37 -9.98 -14.52
N ASP C 62 3.41 -10.05 -13.60
CA ASP C 62 2.43 -8.98 -13.45
C ASP C 62 2.98 -7.79 -12.67
N PHE C 63 4.22 -7.90 -12.17
CA PHE C 63 4.80 -6.81 -11.39
C PHE C 63 4.87 -5.47 -12.13
N PRO C 64 5.25 -5.40 -13.42
CA PRO C 64 5.26 -4.08 -14.08
C PRO C 64 3.94 -3.32 -13.97
N LEU C 65 2.81 -4.02 -14.10
CA LEU C 65 1.51 -3.39 -14.00
C LEU C 65 1.38 -2.57 -12.71
N LEU C 66 1.87 -3.11 -11.61
CA LEU C 66 1.92 -2.34 -10.37
C LEU C 66 2.69 -1.03 -10.57
N HIS C 67 3.96 -1.11 -11.00
CA HIS C 67 4.79 0.10 -11.06
C HIS C 67 4.23 1.11 -12.04
N ARG C 68 3.72 0.63 -13.18
CA ARG C 68 3.26 1.52 -14.23
C ARG C 68 2.01 2.27 -13.80
N PHE C 69 1.38 1.87 -12.69
CA PHE C 69 0.25 2.62 -12.18
C PHE C 69 0.63 4.03 -11.73
N SER C 70 1.94 4.33 -11.62
CA SER C 70 2.36 5.65 -11.13
C SER C 70 1.75 6.80 -11.93
N MET C 71 1.34 6.57 -13.17
CA MET C 71 0.77 7.64 -13.98
C MET C 71 -0.55 8.13 -13.40
N PHE C 72 -1.30 7.24 -12.75
CA PHE C 72 -2.59 7.58 -12.18
C PHE C 72 -2.49 8.14 -10.77
N VAL C 73 -1.31 8.07 -10.16
CA VAL C 73 -1.14 8.51 -8.78
C VAL C 73 -0.98 10.02 -8.74
N ARG C 74 -1.74 10.66 -7.87
CA ARG C 74 -1.63 12.09 -7.67
C ARG C 74 -0.28 12.46 -7.05
N PRO C 75 0.18 13.70 -7.26
CA PRO C 75 1.55 14.06 -6.82
C PRO C 75 1.78 13.95 -5.33
N HIS C 76 0.86 14.45 -4.50
CA HIS C 76 1.10 14.43 -3.07
C HIS C 76 1.11 13.01 -2.52
N HIS C 77 0.56 12.06 -3.28
CA HIS C 77 0.60 10.66 -2.93
C HIS C 77 1.72 9.89 -3.63
N LYS C 78 2.45 10.53 -4.54
CA LYS C 78 3.41 9.80 -5.37
C LYS C 78 4.54 9.18 -4.55
N GLN C 79 5.20 9.99 -3.71
CA GLN C 79 6.36 9.49 -2.98
C GLN C 79 6.00 8.26 -2.16
N ARG C 80 4.93 8.37 -1.35
CA ARG C 80 4.47 7.24 -0.56
C ARG C 80 4.32 6.00 -1.43
N PHE C 81 3.68 6.16 -2.58
CA PHE C 81 3.42 5.01 -3.46
C PHE C 81 4.71 4.28 -3.77
N SER C 82 5.76 5.03 -4.13
CA SER C 82 7.03 4.40 -4.49
C SER C 82 7.49 3.44 -3.40
N GLN C 83 7.44 3.91 -2.15
CA GLN C 83 7.84 3.07 -1.02
C GLN C 83 7.09 1.75 -1.02
N THR C 84 5.76 1.82 -1.03
CA THR C 84 4.97 0.60 -0.92
C THR C 84 5.32 -0.39 -2.03
N CYS C 85 5.63 0.11 -3.23
CA CYS C 85 5.95 -0.77 -4.34
C CYS C 85 7.11 -1.68 -3.99
N THR C 86 8.20 -1.10 -3.49
CA THR C 86 9.34 -1.94 -3.14
C THR C 86 8.96 -2.95 -2.08
N ASP C 87 8.07 -2.56 -1.15
CA ASP C 87 7.70 -3.46 -0.07
C ASP C 87 6.95 -4.66 -0.63
N LEU C 88 6.27 -4.49 -1.75
CA LEU C 88 5.56 -5.60 -2.37
C LEU C 88 6.44 -6.34 -3.36
N THR C 89 7.46 -5.68 -3.91
CA THR C 89 8.31 -6.30 -4.92
C THR C 89 9.68 -6.71 -4.40
N GLY C 90 10.20 -6.03 -3.39
CA GLY C 90 11.53 -6.31 -2.90
C GLY C 90 12.49 -5.14 -3.13
N GLN D 10 -8.83 -19.13 -15.77
CA GLN D 10 -8.49 -18.95 -14.37
C GLN D 10 -9.00 -17.60 -13.85
N HIS D 11 -8.09 -16.65 -13.63
CA HIS D 11 -8.45 -15.34 -13.08
C HIS D 11 -9.07 -15.50 -11.69
N ALA D 12 -8.51 -16.41 -10.90
CA ALA D 12 -9.09 -16.74 -9.60
C ALA D 12 -9.01 -15.58 -8.62
N VAL D 13 -8.01 -14.71 -8.72
CA VAL D 13 -7.96 -13.57 -7.81
C VAL D 13 -9.18 -12.68 -8.05
N SER D 14 -9.50 -12.41 -9.33
CA SER D 14 -10.64 -11.56 -9.63
C SER D 14 -11.95 -12.24 -9.25
N ALA D 15 -12.06 -13.54 -9.48
CA ALA D 15 -13.27 -14.25 -9.08
C ALA D 15 -13.44 -14.21 -7.57
N TYR D 16 -12.33 -14.38 -6.84
CA TYR D 16 -12.38 -14.28 -5.38
C TYR D 16 -12.85 -12.90 -4.96
N LEU D 17 -12.29 -11.86 -5.56
CA LEU D 17 -12.68 -10.49 -5.21
C LEU D 17 -14.14 -10.23 -5.51
N ALA D 18 -14.65 -10.77 -6.61
CA ALA D 18 -16.07 -10.61 -6.90
C ALA D 18 -16.91 -11.29 -5.84
N ASP D 19 -16.56 -12.52 -5.49
CA ASP D 19 -17.29 -13.25 -4.45
C ASP D 19 -17.23 -12.50 -3.12
N ALA D 20 -16.04 -11.99 -2.80
CA ALA D 20 -15.84 -11.26 -1.56
C ALA D 20 -16.68 -10.00 -1.53
N ARG D 21 -16.72 -9.24 -2.63
CA ARG D 21 -17.60 -8.09 -2.66
C ARG D 21 -19.04 -8.52 -2.45
N ARG D 22 -19.46 -9.58 -3.15
CA ARG D 22 -20.84 -10.03 -3.11
C ARG D 22 -21.27 -10.38 -1.70
N ALA D 23 -20.40 -11.08 -0.96
CA ALA D 23 -20.73 -11.59 0.37
C ALA D 23 -20.51 -10.58 1.50
N LEU D 24 -19.45 -9.79 1.44
CA LEU D 24 -19.05 -8.94 2.55
C LEU D 24 -19.46 -7.48 2.42
N GLY D 25 -19.82 -7.00 1.22
CA GLY D 25 -20.05 -5.58 1.04
C GLY D 25 -18.78 -4.84 0.70
N SER D 26 -18.95 -3.58 0.30
CA SER D 26 -17.82 -2.78 -0.14
C SER D 26 -16.82 -2.56 1.00
N ALA D 27 -17.33 -2.16 2.17
CA ALA D 27 -16.47 -1.90 3.33
C ALA D 27 -15.75 -3.18 3.76
N GLY D 28 -16.46 -4.31 3.80
CA GLY D 28 -15.83 -5.55 4.19
C GLY D 28 -14.73 -5.97 3.22
N CYS D 29 -14.99 -5.83 1.92
CA CYS D 29 -13.96 -6.15 0.93
C CYS D 29 -12.74 -5.25 1.10
N SER D 30 -12.95 -3.96 1.33
CA SER D 30 -11.83 -3.06 1.52
C SER D 30 -11.00 -3.44 2.74
N GLN D 31 -11.67 -3.77 3.85
CA GLN D 31 -10.96 -4.20 5.05
C GLN D 31 -10.15 -5.47 4.83
N LEU D 32 -10.74 -6.46 4.16
CA LEU D 32 -9.99 -7.68 3.86
C LEU D 32 -8.78 -7.37 2.98
N LEU D 33 -8.92 -6.45 2.03
CA LEU D 33 -7.78 -6.11 1.18
C LEU D 33 -6.70 -5.38 1.96
N ALA D 34 -7.10 -4.50 2.87
CA ALA D 34 -6.12 -3.84 3.74
C ALA D 34 -5.36 -4.86 4.57
N ALA D 35 -6.07 -5.87 5.07
CA ALA D 35 -5.40 -6.95 5.80
C ALA D 35 -4.40 -7.69 4.89
N LEU D 36 -4.79 -7.93 3.63
CA LEU D 36 -3.89 -8.62 2.71
C LEU D 36 -2.63 -7.80 2.44
N THR D 37 -2.78 -6.49 2.29
CA THR D 37 -1.60 -5.67 2.05
C THR D 37 -0.70 -5.62 3.28
N ALA D 38 -1.30 -5.49 4.47
CA ALA D 38 -0.53 -5.58 5.70
C ALA D 38 0.23 -6.89 5.77
N TYR D 39 -0.42 -7.99 5.39
CA TYR D 39 0.26 -9.29 5.43
C TYR D 39 1.41 -9.33 4.45
N LYS D 40 1.23 -8.71 3.28
CA LYS D 40 2.29 -8.64 2.29
C LYS D 40 3.51 -7.90 2.83
N GLN D 41 3.30 -6.91 3.70
CA GLN D 41 4.45 -6.20 4.28
C GLN D 41 5.05 -6.88 5.52
N ASP D 42 4.24 -7.18 6.54
CA ASP D 42 4.80 -7.56 7.83
C ASP D 42 4.96 -9.06 8.06
N ASP D 43 4.35 -9.90 7.23
CA ASP D 43 4.50 -11.37 7.32
C ASP D 43 3.86 -11.94 8.60
N ASP D 44 2.71 -11.39 9.01
CA ASP D 44 2.01 -11.81 10.22
C ASP D 44 0.71 -12.57 9.88
N LEU D 45 0.79 -13.90 9.96
CA LEU D 45 -0.34 -14.74 9.57
C LEU D 45 -1.53 -14.57 10.50
N ASP D 46 -1.27 -14.47 11.81
CA ASP D 46 -2.38 -14.50 12.75
C ASP D 46 -3.23 -13.24 12.65
N LYS D 47 -2.61 -12.10 12.38
CA LYS D 47 -3.34 -10.83 12.33
C LYS D 47 -4.34 -10.81 11.17
N VAL D 48 -3.88 -11.17 9.98
CA VAL D 48 -4.79 -11.17 8.84
C VAL D 48 -5.77 -12.32 8.95
N LEU D 49 -5.36 -13.45 9.54
CA LEU D 49 -6.34 -14.56 9.74
C LEU D 49 -7.49 -14.07 10.61
N ALA D 50 -7.18 -13.26 11.63
CA ALA D 50 -8.22 -12.76 12.55
C ALA D 50 -9.23 -11.89 11.80
N VAL D 51 -8.75 -11.01 10.92
CA VAL D 51 -9.66 -10.11 10.16
C VAL D 51 -10.53 -11.00 9.25
N LEU D 52 -9.92 -11.96 8.59
CA LEU D 52 -10.65 -12.84 7.65
C LEU D 52 -11.69 -13.65 8.43
N ALA D 53 -11.32 -14.16 9.61
CA ALA D 53 -12.25 -15.01 10.37
C ALA D 53 -13.49 -14.20 10.78
N ALA D 54 -13.29 -12.97 11.26
CA ALA D 54 -14.44 -12.19 11.74
C ALA D 54 -15.37 -11.90 10.55
N LEU D 55 -14.81 -11.52 9.41
CA LEU D 55 -15.61 -11.18 8.20
C LEU D 55 -16.29 -12.40 7.57
N THR D 56 -15.60 -13.55 7.50
CA THR D 56 -16.17 -14.70 6.73
C THR D 56 -16.79 -15.78 7.61
N THR D 57 -16.38 -15.91 8.87
CA THR D 57 -16.88 -17.05 9.67
C THR D 57 -18.14 -16.62 10.45
N ALA D 58 -18.66 -15.42 10.17
CA ALA D 58 -19.90 -14.99 10.83
C ALA D 58 -21.09 -15.74 10.27
N LYS D 59 -21.10 -15.99 8.97
CA LYS D 59 -22.15 -16.75 8.30
C LYS D 59 -21.55 -18.01 7.70
N PRO D 60 -22.22 -19.16 7.82
CA PRO D 60 -21.66 -20.41 7.30
C PRO D 60 -21.43 -20.43 5.79
N GLU D 61 -22.31 -19.78 5.00
CA GLU D 61 -22.12 -19.77 3.55
C GLU D 61 -20.82 -19.09 3.14
N ASP D 62 -20.32 -18.16 3.95
CA ASP D 62 -19.07 -17.51 3.61
C ASP D 62 -17.87 -18.39 3.94
N PHE D 63 -18.12 -19.56 4.54
CA PHE D 63 -17.03 -20.45 4.94
C PHE D 63 -16.09 -20.80 3.80
N PRO D 64 -16.55 -21.09 2.58
CA PRO D 64 -15.59 -21.35 1.49
C PRO D 64 -14.60 -20.21 1.27
N LEU D 65 -15.07 -18.96 1.35
CA LEU D 65 -14.18 -17.81 1.15
C LEU D 65 -12.94 -17.91 2.04
N LEU D 66 -13.16 -18.21 3.32
CA LEU D 66 -12.05 -18.45 4.24
C LEU D 66 -11.04 -19.42 3.63
N HIS D 67 -11.51 -20.62 3.25
CA HIS D 67 -10.60 -21.61 2.67
C HIS D 67 -10.01 -21.11 1.35
N ARG D 68 -10.79 -20.36 0.55
CA ARG D 68 -10.22 -19.94 -0.71
C ARG D 68 -9.16 -18.87 -0.50
N PHE D 69 -9.13 -18.24 0.68
CA PHE D 69 -8.06 -17.30 0.93
C PHE D 69 -6.71 -18.01 0.95
N SER D 70 -6.71 -19.35 0.99
CA SER D 70 -5.47 -20.08 0.94
C SER D 70 -4.64 -19.69 -0.29
N MET D 71 -5.28 -19.13 -1.32
CA MET D 71 -4.55 -18.75 -2.52
C MET D 71 -3.53 -17.64 -2.24
N PHE D 72 -3.82 -16.76 -1.27
CA PHE D 72 -2.95 -15.62 -0.97
C PHE D 72 -1.86 -15.91 0.06
N VAL D 73 -1.89 -17.05 0.73
CA VAL D 73 -0.99 -17.34 1.85
C VAL D 73 0.38 -17.79 1.36
N ARG D 74 1.43 -17.24 1.99
CA ARG D 74 2.80 -17.54 1.64
C ARG D 74 3.09 -19.03 1.86
N PRO D 75 4.08 -19.58 1.15
CA PRO D 75 4.29 -21.04 1.22
C PRO D 75 4.61 -21.57 2.62
N HIS D 76 5.49 -20.90 3.35
CA HIS D 76 5.90 -21.36 4.68
C HIS D 76 4.79 -21.28 5.72
N HIS D 77 3.73 -20.51 5.48
CA HIS D 77 2.61 -20.42 6.41
C HIS D 77 1.37 -21.23 6.01
N LYS D 78 1.39 -21.93 4.88
CA LYS D 78 0.17 -22.55 4.35
C LYS D 78 -0.42 -23.58 5.30
N GLN D 79 0.40 -24.51 5.79
CA GLN D 79 -0.09 -25.60 6.63
C GLN D 79 -0.82 -25.10 7.87
N ARG D 80 -0.18 -24.19 8.62
CA ARG D 80 -0.82 -23.61 9.80
C ARG D 80 -2.20 -23.04 9.46
N PHE D 81 -2.25 -22.25 8.37
CA PHE D 81 -3.51 -21.63 7.96
C PHE D 81 -4.58 -22.68 7.74
N SER D 82 -4.25 -23.74 6.99
CA SER D 82 -5.23 -24.79 6.72
C SER D 82 -5.74 -25.40 8.03
N GLN D 83 -4.83 -25.75 8.93
CA GLN D 83 -5.24 -26.31 10.22
C GLN D 83 -6.19 -25.38 10.96
N THR D 84 -5.81 -24.12 11.13
CA THR D 84 -6.66 -23.18 11.86
C THR D 84 -8.03 -23.03 11.21
N CYS D 85 -8.08 -23.01 9.88
CA CYS D 85 -9.36 -22.90 9.19
C CYS D 85 -10.25 -24.11 9.47
N THR D 86 -9.70 -25.31 9.33
CA THR D 86 -10.51 -26.50 9.62
C THR D 86 -10.97 -26.49 11.08
N ASP D 87 -10.15 -25.94 11.99
CA ASP D 87 -10.57 -25.86 13.38
C ASP D 87 -11.69 -24.84 13.58
N LEU D 88 -11.76 -23.83 12.71
CA LEU D 88 -12.82 -22.82 12.82
C LEU D 88 -14.11 -23.24 12.14
N THR D 89 -14.05 -24.15 11.17
CA THR D 89 -15.23 -24.56 10.43
C THR D 89 -15.19 -26.07 10.26
N GLY D 90 -16.30 -26.72 10.60
CA GLY D 90 -16.41 -28.17 10.42
C GLY D 90 -16.12 -28.64 9.01
N GLN E 10 20.69 5.08 -16.36
CA GLN E 10 20.98 5.04 -14.92
C GLN E 10 21.25 6.47 -14.42
N HIS E 11 22.53 6.79 -14.27
CA HIS E 11 22.98 8.12 -13.86
C HIS E 11 22.56 8.42 -12.42
N ALA E 12 22.47 7.38 -11.59
CA ALA E 12 22.04 7.55 -10.20
C ALA E 12 23.14 8.18 -9.36
N VAL E 13 24.40 7.88 -9.64
CA VAL E 13 25.49 8.51 -8.90
C VAL E 13 25.48 10.02 -9.16
N SER E 14 25.29 10.42 -10.41
CA SER E 14 25.28 11.83 -10.74
C SER E 14 24.08 12.52 -10.13
N ALA E 15 22.92 11.85 -10.14
CA ALA E 15 21.74 12.42 -9.50
C ALA E 15 21.96 12.60 -8.01
N TYR E 16 22.58 11.62 -7.37
CA TYR E 16 22.91 11.74 -5.96
C TYR E 16 23.84 12.93 -5.72
N LEU E 17 24.87 13.07 -6.57
CA LEU E 17 25.80 14.19 -6.41
C LEU E 17 25.09 15.52 -6.57
N ALA E 18 24.17 15.61 -7.53
CA ALA E 18 23.41 16.84 -7.72
C ALA E 18 22.56 17.14 -6.50
N ASP E 19 21.88 16.12 -5.98
CA ASP E 19 21.04 16.31 -4.80
C ASP E 19 21.88 16.76 -3.62
N ALA E 20 23.06 16.16 -3.46
CA ALA E 20 23.94 16.51 -2.36
C ALA E 20 24.42 17.96 -2.49
N ARG E 21 24.83 18.35 -3.70
CA ARG E 21 25.27 19.72 -3.92
C ARG E 21 24.16 20.71 -3.58
N ARG E 22 22.94 20.45 -4.08
CA ARG E 22 21.84 21.37 -3.80
C ARG E 22 21.47 21.40 -2.32
N ALA E 23 21.49 20.25 -1.65
CA ALA E 23 21.03 20.21 -0.26
C ALA E 23 22.10 20.70 0.71
N LEU E 24 23.36 20.35 0.49
CA LEU E 24 24.42 20.67 1.45
C LEU E 24 25.24 21.90 1.08
N GLY E 25 25.21 22.33 -0.18
CA GLY E 25 26.08 23.39 -0.61
C GLY E 25 27.42 22.90 -1.11
N SER E 26 28.21 23.84 -1.62
CA SER E 26 29.49 23.47 -2.23
C SER E 26 30.41 22.83 -1.20
N ALA E 27 30.58 23.48 -0.05
CA ALA E 27 31.51 22.97 0.94
C ALA E 27 31.09 21.61 1.48
N GLY E 28 29.80 21.45 1.79
CA GLY E 28 29.32 20.17 2.30
C GLY E 28 29.48 19.05 1.29
N CYS E 29 29.15 19.33 0.03
CA CYS E 29 29.33 18.34 -1.01
C CYS E 29 30.80 17.93 -1.12
N SER E 30 31.71 18.91 -1.08
CA SER E 30 33.13 18.58 -1.19
C SER E 30 33.60 17.75 0.01
N GLN E 31 33.15 18.09 1.22
CA GLN E 31 33.52 17.34 2.41
C GLN E 31 33.06 15.89 2.33
N LEU E 32 31.81 15.69 1.92
CA LEU E 32 31.30 14.34 1.75
C LEU E 32 32.08 13.58 0.68
N LEU E 33 32.50 14.28 -0.38
CA LEU E 33 33.28 13.63 -1.45
C LEU E 33 34.66 13.21 -0.93
N ALA E 34 35.29 14.06 -0.14
CA ALA E 34 36.57 13.70 0.48
C ALA E 34 36.41 12.49 1.41
N ALA E 35 35.34 12.48 2.20
CA ALA E 35 35.08 11.33 3.07
C ALA E 35 34.86 10.06 2.25
N LEU E 36 34.14 10.17 1.12
CA LEU E 36 33.89 9.01 0.29
C LEU E 36 35.18 8.45 -0.29
N THR E 37 36.08 9.33 -0.73
CA THR E 37 37.35 8.83 -1.27
C THR E 37 38.20 8.20 -0.18
N ALA E 38 38.23 8.81 1.01
CA ALA E 38 38.92 8.19 2.13
C ALA E 38 38.38 6.79 2.43
N TYR E 39 37.05 6.63 2.39
CA TYR E 39 36.48 5.31 2.63
C TYR E 39 36.84 4.33 1.52
N LYS E 40 36.81 4.80 0.27
CA LYS E 40 37.21 3.92 -0.82
C LYS E 40 38.64 3.45 -0.68
N GLN E 41 39.49 4.27 -0.04
CA GLN E 41 40.88 3.89 0.13
C GLN E 41 41.05 2.93 1.32
N ASP E 42 40.62 3.34 2.52
CA ASP E 42 40.93 2.60 3.73
C ASP E 42 39.81 1.67 4.22
N ASP E 43 38.58 1.83 3.71
CA ASP E 43 37.45 0.94 4.04
C ASP E 43 37.03 1.05 5.51
N ASP E 44 36.99 2.27 6.03
CA ASP E 44 36.61 2.56 7.42
C ASP E 44 35.19 3.13 7.42
N LEU E 45 34.22 2.27 7.74
CA LEU E 45 32.82 2.65 7.61
C LEU E 45 32.43 3.76 8.57
N ASP E 46 32.91 3.69 9.82
CA ASP E 46 32.46 4.66 10.82
C ASP E 46 33.02 6.04 10.53
N LYS E 47 34.22 6.12 9.95
CA LYS E 47 34.82 7.42 9.67
C LYS E 47 33.95 8.22 8.71
N VAL E 48 33.56 7.60 7.59
CA VAL E 48 32.74 8.29 6.60
C VAL E 48 31.32 8.46 7.09
N LEU E 49 30.81 7.49 7.86
CA LEU E 49 29.48 7.63 8.43
C LEU E 49 29.39 8.83 9.37
N ALA E 50 30.48 9.16 10.07
CA ALA E 50 30.44 10.34 10.92
C ALA E 50 30.17 11.60 10.11
N VAL E 51 30.91 11.78 9.02
CA VAL E 51 30.75 12.99 8.16
C VAL E 51 29.34 12.99 7.54
N LEU E 52 28.91 11.85 6.99
CA LEU E 52 27.60 11.80 6.30
C LEU E 52 26.49 12.14 7.30
N ALA E 53 26.55 11.58 8.51
CA ALA E 53 25.47 11.81 9.48
C ALA E 53 25.41 13.29 9.84
N ALA E 54 26.56 13.92 10.09
CA ALA E 54 26.50 15.33 10.53
C ALA E 54 25.86 16.18 9.42
N LEU E 55 26.29 15.94 8.18
CA LEU E 55 25.76 16.72 7.02
C LEU E 55 24.31 16.37 6.70
N THR E 56 23.91 15.10 6.78
CA THR E 56 22.56 14.69 6.31
C THR E 56 21.55 14.43 7.42
N THR E 57 21.91 14.51 8.70
CA THR E 57 20.88 14.35 9.72
C THR E 57 20.51 15.65 10.42
N ALA E 58 21.14 16.77 10.06
CA ALA E 58 20.82 18.03 10.74
C ALA E 58 19.36 18.42 10.50
N LYS E 59 18.89 18.25 9.28
CA LYS E 59 17.51 18.50 8.92
C LYS E 59 16.84 17.20 8.48
N PRO E 60 15.59 16.98 8.87
CA PRO E 60 14.90 15.75 8.44
C PRO E 60 14.80 15.65 6.94
N GLU E 61 14.69 16.78 6.23
CA GLU E 61 14.54 16.75 4.77
C GLU E 61 15.73 16.07 4.11
N ASP E 62 16.91 16.12 4.74
CA ASP E 62 18.11 15.51 4.19
C ASP E 62 18.17 14.01 4.43
N PHE E 63 17.20 13.43 5.14
CA PHE E 63 17.24 12.00 5.45
C PHE E 63 17.37 11.07 4.24
N PRO E 64 16.66 11.27 3.12
CA PRO E 64 16.82 10.32 2.00
C PRO E 64 18.26 10.15 1.54
N LEU E 65 19.03 11.24 1.46
CA LEU E 65 20.41 11.15 1.00
C LEU E 65 21.20 10.09 1.75
N LEU E 66 21.10 10.10 3.08
CA LEU E 66 21.76 9.08 3.90
C LEU E 66 21.44 7.67 3.40
N HIS E 67 20.15 7.34 3.28
CA HIS E 67 19.80 6.00 2.83
C HIS E 67 20.35 5.72 1.44
N ARG E 68 20.31 6.73 0.57
CA ARG E 68 20.75 6.46 -0.79
C ARG E 68 22.26 6.25 -0.84
N PHE E 69 22.96 6.63 0.23
CA PHE E 69 24.40 6.39 0.30
C PHE E 69 24.70 4.91 0.25
N SER E 70 23.68 4.06 0.38
CA SER E 70 23.93 2.63 0.27
C SER E 70 24.62 2.29 -1.04
N MET E 71 24.49 3.15 -2.05
CA MET E 71 25.09 2.85 -3.34
C MET E 71 26.61 2.80 -3.26
N PHE E 72 27.24 3.59 -2.38
CA PHE E 72 28.69 3.64 -2.28
C PHE E 72 29.30 2.63 -1.31
N VAL E 73 28.49 1.95 -0.51
CA VAL E 73 29.01 1.07 0.54
C VAL E 73 29.48 -0.24 -0.06
N ARG E 74 30.67 -0.70 0.34
CA ARG E 74 31.19 -1.98 -0.10
C ARG E 74 30.36 -3.12 0.51
N PRO E 75 30.39 -4.32 -0.12
CA PRO E 75 29.44 -5.37 0.28
C PRO E 75 29.55 -5.89 1.71
N HIS E 76 30.76 -6.18 2.20
CA HIS E 76 30.85 -6.76 3.53
C HIS E 76 30.38 -5.81 4.61
N HIS E 77 30.24 -4.52 4.29
CA HIS E 77 29.74 -3.50 5.19
C HIS E 77 28.25 -3.20 5.00
N LYS E 78 27.55 -3.92 4.12
CA LYS E 78 26.18 -3.54 3.78
C LYS E 78 25.25 -3.57 4.99
N GLN E 79 25.17 -4.71 5.67
CA GLN E 79 24.25 -4.86 6.79
C GLN E 79 24.45 -3.80 7.85
N ARG E 80 25.69 -3.65 8.31
CA ARG E 80 25.97 -2.62 9.31
C ARG E 80 25.38 -1.29 8.89
N PHE E 81 25.66 -0.89 7.64
CA PHE E 81 25.18 0.40 7.19
C PHE E 81 23.66 0.50 7.32
N SER E 82 22.93 -0.50 6.81
CA SER E 82 21.49 -0.45 6.88
C SER E 82 21.05 -0.27 8.33
N GLN E 83 21.61 -1.10 9.22
CA GLN E 83 21.26 -0.98 10.64
C GLN E 83 21.50 0.44 11.13
N THR E 84 22.70 0.95 10.88
CA THR E 84 23.04 2.29 11.36
C THR E 84 22.03 3.31 10.83
N CYS E 85 21.59 3.14 9.58
CA CYS E 85 20.61 4.05 9.03
C CYS E 85 19.36 4.05 9.88
N THR E 86 18.80 2.87 10.10
CA THR E 86 17.58 2.76 10.90
C THR E 86 17.83 3.28 12.31
N ASP E 87 19.05 3.13 12.82
CA ASP E 87 19.35 3.57 14.18
C ASP E 87 19.38 5.10 14.28
N LEU E 88 19.73 5.80 13.20
CA LEU E 88 19.77 7.25 13.28
C LEU E 88 18.43 7.91 12.95
N THR E 89 17.56 7.20 12.25
CA THR E 89 16.28 7.75 11.84
C THR E 89 15.12 7.27 12.71
N GLY E 90 15.26 6.13 13.38
CA GLY E 90 14.23 5.63 14.25
C GLY E 90 13.10 4.95 13.52
N HIS F 11 -23.41 -6.23 6.18
CA HIS F 11 -22.64 -5.00 6.35
C HIS F 11 -22.53 -4.58 7.81
N ALA F 12 -23.06 -5.40 8.72
CA ALA F 12 -23.04 -5.03 10.13
C ALA F 12 -21.66 -5.21 10.75
N VAL F 13 -20.91 -6.21 10.29
CA VAL F 13 -19.57 -6.46 10.82
C VAL F 13 -18.63 -5.32 10.48
N SER F 14 -18.69 -4.85 9.23
CA SER F 14 -17.72 -3.88 8.72
C SER F 14 -17.79 -2.53 9.40
N ALA F 15 -19.00 -2.04 9.68
CA ALA F 15 -19.11 -0.75 10.36
C ALA F 15 -18.52 -0.83 11.76
N TYR F 16 -18.78 -1.93 12.46
CA TYR F 16 -18.18 -2.16 13.76
C TYR F 16 -16.67 -2.17 13.65
N LEU F 17 -16.13 -2.88 12.66
CA LEU F 17 -14.69 -2.97 12.51
C LEU F 17 -14.07 -1.61 12.22
N ALA F 18 -14.70 -0.80 11.38
CA ALA F 18 -14.17 0.53 11.06
C ALA F 18 -14.18 1.47 12.27
N ASP F 19 -15.33 1.58 12.96
CA ASP F 19 -15.38 2.45 14.14
C ASP F 19 -14.40 1.98 15.20
N ALA F 20 -14.31 0.66 15.38
CA ALA F 20 -13.36 0.12 16.35
C ALA F 20 -11.95 0.47 15.95
N ARG F 21 -11.64 0.39 14.66
CA ARG F 21 -10.31 0.77 14.19
C ARG F 21 -10.01 2.20 14.60
N ARG F 22 -10.93 3.12 14.31
CA ARG F 22 -10.70 4.53 14.62
C ARG F 22 -10.54 4.76 16.12
N ALA F 23 -11.34 4.09 16.93
CA ALA F 23 -11.34 4.38 18.37
C ALA F 23 -10.17 3.71 19.09
N LEU F 24 -9.82 2.50 18.68
CA LEU F 24 -8.85 1.71 19.44
C LEU F 24 -7.44 1.80 18.89
N GLY F 25 -7.26 2.21 17.63
CA GLY F 25 -5.95 2.19 17.02
C GLY F 25 -5.66 0.84 16.41
N SER F 26 -4.55 0.80 15.67
CA SER F 26 -4.19 -0.42 14.96
C SER F 26 -3.90 -1.55 15.94
N ALA F 27 -3.06 -1.28 16.95
CA ALA F 27 -2.68 -2.32 17.90
C ALA F 27 -3.89 -2.80 18.71
N GLY F 28 -4.75 -1.88 19.14
CA GLY F 28 -5.91 -2.29 19.91
C GLY F 28 -6.86 -3.15 19.10
N CYS F 29 -7.11 -2.75 17.85
CA CYS F 29 -7.97 -3.57 16.98
C CYS F 29 -7.36 -4.95 16.74
N SER F 30 -6.04 -5.01 16.54
CA SER F 30 -5.41 -6.31 16.31
C SER F 30 -5.56 -7.21 17.53
N GLN F 31 -5.37 -6.63 18.72
CA GLN F 31 -5.52 -7.39 19.95
C GLN F 31 -6.94 -7.91 20.09
N LEU F 32 -7.93 -7.05 19.85
CA LEU F 32 -9.32 -7.47 19.97
C LEU F 32 -9.65 -8.57 18.97
N LEU F 33 -9.14 -8.47 17.74
CA LEU F 33 -9.44 -9.48 16.73
C LEU F 33 -8.77 -10.80 17.08
N ALA F 34 -7.55 -10.75 17.59
CA ALA F 34 -6.90 -11.98 18.03
C ALA F 34 -7.68 -12.65 19.14
N ALA F 35 -8.17 -11.86 20.10
CA ALA F 35 -9.01 -12.40 21.15
C ALA F 35 -10.27 -13.03 20.60
N LEU F 36 -10.89 -12.38 19.61
CA LEU F 36 -12.12 -12.91 19.02
C LEU F 36 -11.84 -14.23 18.31
N THR F 37 -10.71 -14.34 17.63
CA THR F 37 -10.40 -15.60 16.96
C THR F 37 -10.11 -16.71 17.96
N ALA F 38 -9.42 -16.37 19.06
CA ALA F 38 -9.26 -17.33 20.15
C ALA F 38 -10.60 -17.80 20.68
N TYR F 39 -11.54 -16.87 20.84
CA TYR F 39 -12.87 -17.24 21.31
C TYR F 39 -13.58 -18.14 20.30
N LYS F 40 -13.42 -17.83 19.01
CA LYS F 40 -13.98 -18.68 17.95
C LYS F 40 -13.40 -20.09 17.96
N GLN F 41 -12.17 -20.27 18.47
CA GLN F 41 -11.68 -21.64 18.60
C GLN F 41 -12.17 -22.30 19.90
N ASP F 42 -11.88 -21.70 21.06
CA ASP F 42 -12.07 -22.39 22.35
C ASP F 42 -13.40 -22.11 23.06
N ASP F 43 -14.14 -21.07 22.67
CA ASP F 43 -15.49 -20.81 23.19
C ASP F 43 -15.50 -20.40 24.68
N ASP F 44 -14.55 -19.56 25.08
CA ASP F 44 -14.43 -19.07 26.46
C ASP F 44 -14.82 -17.60 26.52
N LEU F 45 -16.04 -17.32 26.99
CA LEU F 45 -16.56 -15.95 26.95
C LEU F 45 -15.73 -15.01 27.81
N ASP F 46 -15.28 -15.47 28.97
CA ASP F 46 -14.67 -14.55 29.92
C ASP F 46 -13.32 -14.02 29.42
N LYS F 47 -12.55 -14.83 28.70
CA LYS F 47 -11.24 -14.39 28.22
C LYS F 47 -11.36 -13.23 27.23
N VAL F 48 -12.23 -13.40 26.24
CA VAL F 48 -12.41 -12.35 25.24
C VAL F 48 -13.11 -11.16 25.86
N LEU F 49 -14.00 -11.40 26.81
CA LEU F 49 -14.63 -10.30 27.53
C LEU F 49 -13.58 -9.49 28.30
N ALA F 50 -12.55 -10.16 28.80
CA ALA F 50 -11.49 -9.46 29.55
C ALA F 50 -10.72 -8.50 28.63
N VAL F 51 -10.30 -8.98 27.46
CA VAL F 51 -9.51 -8.15 26.51
C VAL F 51 -10.38 -6.97 26.05
N LEU F 52 -11.66 -7.24 25.75
CA LEU F 52 -12.55 -6.17 25.26
C LEU F 52 -12.69 -5.10 26.35
N ALA F 53 -12.83 -5.51 27.61
CA ALA F 53 -13.07 -4.53 28.69
C ALA F 53 -11.89 -3.57 28.82
N ALA F 54 -10.66 -4.10 28.78
CA ALA F 54 -9.49 -3.22 28.98
C ALA F 54 -9.38 -2.21 27.84
N LEU F 55 -9.55 -2.67 26.60
CA LEU F 55 -9.39 -1.77 25.42
C LEU F 55 -10.52 -0.74 25.35
N THR F 56 -11.75 -1.13 25.67
CA THR F 56 -12.90 -0.21 25.45
C THR F 56 -13.21 0.71 26.65
N THR F 57 -13.24 0.19 27.87
CA THR F 57 -13.68 1.05 28.96
C THR F 57 -12.60 2.03 29.41
N ALA F 58 -11.42 1.96 28.81
CA ALA F 58 -10.34 2.87 29.16
C ALA F 58 -10.71 4.31 28.85
N LYS F 59 -11.37 4.53 27.71
CA LYS F 59 -11.80 5.87 27.32
C LYS F 59 -13.32 5.94 27.30
N PRO F 60 -13.89 7.03 27.83
CA PRO F 60 -15.37 7.13 27.85
C PRO F 60 -16.00 7.14 26.48
N GLU F 61 -15.36 7.75 25.49
CA GLU F 61 -15.91 7.80 24.14
C GLU F 61 -16.06 6.41 23.53
N ASP F 62 -15.23 5.46 23.95
CA ASP F 62 -15.25 4.09 23.46
C ASP F 62 -16.36 3.24 24.08
N PHE F 63 -17.18 3.80 24.97
CA PHE F 63 -18.20 3.02 25.66
C PHE F 63 -19.15 2.27 24.75
N PRO F 64 -19.71 2.86 23.68
CA PRO F 64 -20.65 2.09 22.83
C PRO F 64 -20.08 0.80 22.27
N LEU F 65 -18.81 0.84 21.83
CA LEU F 65 -18.19 -0.29 21.14
C LEU F 65 -18.32 -1.58 21.94
N LEU F 66 -17.99 -1.50 23.23
CA LEU F 66 -18.11 -2.62 24.16
C LEU F 66 -19.46 -3.32 24.02
N HIS F 67 -20.54 -2.54 24.01
CA HIS F 67 -21.87 -3.13 23.97
C HIS F 67 -22.12 -3.90 22.66
N ARG F 68 -21.62 -3.39 21.53
CA ARG F 68 -21.97 -3.95 20.22
C ARG F 68 -21.31 -5.29 19.90
N PHE F 69 -20.34 -5.76 20.70
CA PHE F 69 -19.64 -7.02 20.41
C PHE F 69 -20.54 -8.24 20.36
N SER F 70 -21.82 -8.11 20.74
CA SER F 70 -22.73 -9.26 20.77
C SER F 70 -22.82 -10.02 19.45
N MET F 71 -22.47 -9.38 18.32
CA MET F 71 -22.63 -10.04 17.02
C MET F 71 -21.76 -11.27 16.89
N PHE F 72 -20.56 -11.24 17.46
CA PHE F 72 -19.66 -12.37 17.33
C PHE F 72 -19.88 -13.40 18.42
N VAL F 73 -20.62 -13.02 19.45
CA VAL F 73 -20.88 -13.88 20.60
C VAL F 73 -22.04 -14.80 20.28
N ARG F 74 -21.89 -16.08 20.56
CA ARG F 74 -22.98 -17.01 20.36
C ARG F 74 -24.11 -16.69 21.33
N PRO F 75 -25.33 -17.12 21.01
CA PRO F 75 -26.49 -16.68 21.81
C PRO F 75 -26.40 -17.00 23.29
N HIS F 76 -25.90 -18.18 23.67
CA HIS F 76 -25.96 -18.59 25.08
C HIS F 76 -25.10 -17.72 25.99
N HIS F 77 -24.16 -16.96 25.45
CA HIS F 77 -23.39 -16.06 26.29
C HIS F 77 -23.97 -14.67 26.32
N LYS F 78 -24.89 -14.35 25.38
CA LYS F 78 -25.28 -12.96 25.18
C LYS F 78 -25.76 -12.33 26.47
N GLN F 79 -26.66 -13.01 27.17
CA GLN F 79 -27.22 -12.47 28.38
C GLN F 79 -26.12 -12.14 29.38
N ARG F 80 -25.27 -13.12 29.70
CA ARG F 80 -24.18 -12.84 30.63
C ARG F 80 -23.38 -11.65 30.15
N PHE F 81 -23.05 -11.61 28.86
CA PHE F 81 -22.26 -10.52 28.31
C PHE F 81 -22.91 -9.18 28.64
N SER F 82 -24.21 -9.06 28.32
CA SER F 82 -24.92 -7.82 28.60
C SER F 82 -24.81 -7.45 30.08
N GLN F 83 -25.07 -8.43 30.95
CA GLN F 83 -24.98 -8.18 32.38
C GLN F 83 -23.63 -7.56 32.72
N THR F 84 -22.56 -8.25 32.32
CA THR F 84 -21.23 -7.76 32.68
C THR F 84 -21.00 -6.36 32.13
N CYS F 85 -21.46 -6.10 30.91
CA CYS F 85 -21.28 -4.77 30.33
C CYS F 85 -21.96 -3.71 31.17
N THR F 86 -23.21 -3.94 31.57
CA THR F 86 -23.89 -2.95 32.40
C THR F 86 -23.13 -2.72 33.70
N ASP F 87 -22.45 -3.76 34.20
CA ASP F 87 -21.72 -3.61 35.44
C ASP F 87 -20.49 -2.71 35.28
N LEU F 88 -19.94 -2.62 34.06
CA LEU F 88 -18.77 -1.77 33.83
C LEU F 88 -19.12 -0.34 33.48
N THR F 89 -20.27 -0.12 32.86
CA THR F 89 -20.68 1.23 32.48
C THR F 89 -21.85 1.70 33.35
N HIS G 11 14.69 -21.06 21.15
CA HIS G 11 15.69 -22.02 20.71
C HIS G 11 15.42 -22.54 19.31
N ALA G 12 14.83 -21.70 18.46
CA ALA G 12 14.51 -22.12 17.10
C ALA G 12 15.76 -22.22 16.22
N VAL G 13 16.77 -21.40 16.48
CA VAL G 13 17.98 -21.46 15.67
C VAL G 13 18.68 -22.81 15.87
N SER G 14 18.84 -23.22 17.14
CA SER G 14 19.54 -24.47 17.42
C SER G 14 18.75 -25.66 16.90
N ALA G 15 17.43 -25.62 17.02
CA ALA G 15 16.59 -26.68 16.47
C ALA G 15 16.72 -26.72 14.94
N TYR G 16 16.77 -25.56 14.31
CA TYR G 16 16.96 -25.53 12.86
C TYR G 16 18.28 -26.19 12.50
N LEU G 17 19.35 -25.82 13.18
CA LEU G 17 20.66 -26.41 12.86
C LEU G 17 20.65 -27.92 13.07
N ALA G 18 19.99 -28.41 14.12
CA ALA G 18 19.90 -29.85 14.31
C ALA G 18 19.15 -30.51 13.16
N ASP G 19 17.99 -29.94 12.78
CA ASP G 19 17.23 -30.50 11.68
C ASP G 19 18.03 -30.48 10.40
N ALA G 20 18.75 -29.39 10.19
CA ALA G 20 19.56 -29.21 8.98
C ALA G 20 20.67 -30.25 8.93
N ARG G 21 21.37 -30.48 10.03
CA ARG G 21 22.34 -31.57 10.05
C ARG G 21 21.70 -32.91 9.75
N ARG G 22 20.58 -33.21 10.42
CA ARG G 22 19.97 -34.53 10.25
C ARG G 22 19.55 -34.76 8.80
N ALA G 23 19.05 -33.74 8.12
CA ALA G 23 18.57 -33.91 6.74
C ALA G 23 19.70 -33.84 5.71
N LEU G 24 20.70 -32.98 5.92
CA LEU G 24 21.66 -32.69 4.87
C LEU G 24 22.98 -33.43 4.99
N GLY G 25 23.32 -33.95 6.19
CA GLY G 25 24.63 -34.50 6.42
C GLY G 25 25.62 -33.43 6.88
N SER G 26 26.79 -33.90 7.32
CA SER G 26 27.78 -32.99 7.91
C SER G 26 28.27 -31.98 6.88
N ALA G 27 28.68 -32.46 5.70
CA ALA G 27 29.20 -31.57 4.68
C ALA G 27 28.14 -30.62 4.19
N GLY G 28 26.91 -31.11 3.99
CA GLY G 28 25.86 -30.24 3.51
C GLY G 28 25.52 -29.15 4.49
N CYS G 29 25.42 -29.49 5.77
CA CYS G 29 25.16 -28.48 6.78
C CYS G 29 26.28 -27.44 6.81
N SER G 30 27.54 -27.89 6.70
CA SER G 30 28.65 -26.94 6.73
C SER G 30 28.58 -25.98 5.54
N GLN G 31 28.25 -26.50 4.36
CA GLN G 31 28.10 -25.66 3.18
C GLN G 31 27.01 -24.62 3.38
N LEU G 32 25.86 -25.07 3.90
CA LEU G 32 24.75 -24.14 4.12
C LEU G 32 25.13 -23.05 5.10
N LEU G 33 25.87 -23.39 6.16
CA LEU G 33 26.24 -22.37 7.13
C LEU G 33 27.26 -21.38 6.55
N ALA G 34 28.20 -21.87 5.73
CA ALA G 34 29.13 -20.95 5.07
C ALA G 34 28.37 -19.97 4.18
N ALA G 35 27.37 -20.46 3.45
CA ALA G 35 26.53 -19.57 2.67
C ALA G 35 25.79 -18.58 3.57
N LEU G 36 25.30 -19.03 4.73
CA LEU G 36 24.56 -18.15 5.62
C LEU G 36 25.42 -17.00 6.14
N THR G 37 26.68 -17.30 6.47
CA THR G 37 27.55 -16.22 6.94
C THR G 37 27.87 -15.26 5.80
N ALA G 38 28.08 -15.79 4.59
CA ALA G 38 28.24 -14.90 3.44
C ALA G 38 27.05 -13.97 3.29
N TYR G 39 25.83 -14.49 3.47
CA TYR G 39 24.63 -13.66 3.34
C TYR G 39 24.57 -12.59 4.42
N LYS G 40 24.89 -12.95 5.67
CA LYS G 40 24.91 -11.95 6.73
C LYS G 40 25.95 -10.87 6.50
N GLN G 41 27.05 -11.18 5.79
CA GLN G 41 28.02 -10.13 5.50
C GLN G 41 27.60 -9.28 4.30
N ASP G 42 27.33 -9.91 3.15
CA ASP G 42 27.16 -9.20 1.88
C ASP G 42 25.73 -8.84 1.55
N ASP G 43 24.75 -9.43 2.24
CA ASP G 43 23.34 -9.09 2.09
C ASP G 43 22.85 -9.42 0.68
N ASP G 44 23.33 -10.54 0.13
CA ASP G 44 22.99 -10.99 -1.21
C ASP G 44 22.07 -12.20 -1.06
N LEU G 45 20.76 -11.95 -1.17
CA LEU G 45 19.77 -12.99 -0.86
C LEU G 45 19.83 -14.15 -1.85
N ASP G 46 19.94 -13.84 -3.14
CA ASP G 46 19.86 -14.89 -4.15
C ASP G 46 21.06 -15.81 -4.12
N LYS G 47 22.24 -15.28 -3.77
CA LYS G 47 23.45 -16.10 -3.77
C LYS G 47 23.32 -17.28 -2.84
N VAL G 48 22.92 -17.01 -1.60
CA VAL G 48 22.75 -18.05 -0.60
C VAL G 48 21.46 -18.83 -0.81
N LEU G 49 20.41 -18.19 -1.33
CA LEU G 49 19.19 -18.92 -1.63
C LEU G 49 19.45 -20.00 -2.66
N ALA G 50 20.41 -19.78 -3.57
CA ALA G 50 20.78 -20.82 -4.51
C ALA G 50 21.29 -22.06 -3.80
N VAL G 51 22.21 -21.89 -2.86
CA VAL G 51 22.73 -23.02 -2.08
C VAL G 51 21.59 -23.70 -1.32
N LEU G 52 20.73 -22.89 -0.70
CA LEU G 52 19.63 -23.45 0.07
C LEU G 52 18.70 -24.26 -0.81
N ALA G 53 18.38 -23.77 -2.00
CA ALA G 53 17.50 -24.50 -2.89
C ALA G 53 18.15 -25.78 -3.41
N ALA G 54 19.45 -25.72 -3.72
CA ALA G 54 20.14 -26.93 -4.18
C ALA G 54 20.16 -28.01 -3.11
N LEU G 55 20.39 -27.64 -1.85
CA LEU G 55 20.47 -28.66 -0.81
C LEU G 55 19.09 -29.13 -0.35
N THR G 56 18.11 -28.22 -0.35
CA THR G 56 16.84 -28.46 0.31
C THR G 56 15.73 -28.90 -0.63
N THR G 57 15.74 -28.45 -1.88
CA THR G 57 14.65 -28.80 -2.79
C THR G 57 14.93 -30.06 -3.58
N ALA G 58 16.08 -30.71 -3.35
CA ALA G 58 16.40 -31.95 -4.05
C ALA G 58 15.41 -33.05 -3.66
N LYS G 59 15.08 -33.14 -2.38
CA LYS G 59 14.05 -34.07 -1.92
C LYS G 59 12.89 -33.28 -1.29
N PRO G 60 11.65 -33.67 -1.60
CA PRO G 60 10.50 -32.92 -1.06
C PRO G 60 10.44 -32.89 0.45
N GLU G 61 10.90 -33.96 1.10
CA GLU G 61 10.86 -34.03 2.56
C GLU G 61 11.68 -32.93 3.20
N ASP G 62 12.73 -32.44 2.54
CA ASP G 62 13.53 -31.35 3.08
C ASP G 62 12.92 -29.99 2.83
N PHE G 63 11.81 -29.91 2.10
CA PHE G 63 11.22 -28.61 1.75
C PHE G 63 11.00 -27.71 2.95
N PRO G 64 10.55 -28.19 4.13
CA PRO G 64 10.37 -27.30 5.28
C PRO G 64 11.60 -26.50 5.66
N LEU G 65 12.80 -27.09 5.62
CA LEU G 65 14.00 -26.33 5.95
C LEU G 65 14.08 -25.05 5.14
N LEU G 66 13.87 -25.16 3.83
CA LEU G 66 13.78 -23.97 2.97
C LEU G 66 12.84 -22.95 3.59
N HIS G 67 11.60 -23.37 3.82
CA HIS G 67 10.62 -22.44 4.37
C HIS G 67 11.02 -21.99 5.77
N ARG G 68 11.56 -22.92 6.58
CA ARG G 68 11.89 -22.52 7.95
C ARG G 68 13.09 -21.60 7.96
N PHE G 69 13.77 -21.45 6.83
CA PHE G 69 14.87 -20.50 6.74
C PHE G 69 14.37 -19.08 6.93
N SER G 70 13.03 -18.88 6.96
CA SER G 70 12.44 -17.56 7.12
C SER G 70 12.96 -16.83 8.36
N MET G 71 13.49 -17.56 9.34
CA MET G 71 14.02 -16.95 10.54
C MET G 71 15.28 -16.13 10.23
N PHE G 72 16.10 -16.58 9.28
CA PHE G 72 17.33 -15.88 8.93
C PHE G 72 17.09 -14.78 7.90
N VAL G 73 15.91 -14.75 7.30
CA VAL G 73 15.62 -13.78 6.25
C VAL G 73 15.25 -12.44 6.90
N ARG G 74 15.84 -11.37 6.39
CA ARG G 74 15.56 -10.04 6.86
C ARG G 74 14.13 -9.64 6.48
N PRO G 75 13.54 -8.67 7.18
CA PRO G 75 12.13 -8.37 6.91
C PRO G 75 11.83 -7.94 5.48
N HIS G 76 12.65 -7.04 4.91
CA HIS G 76 12.39 -6.57 3.55
C HIS G 76 12.68 -7.65 2.50
N HIS G 77 13.43 -8.70 2.86
CA HIS G 77 13.69 -9.79 1.93
C HIS G 77 12.66 -10.89 2.05
N LYS G 78 11.74 -10.77 3.01
CA LYS G 78 10.72 -11.80 3.19
C LYS G 78 9.86 -11.89 1.94
N GLN G 79 9.47 -10.76 1.38
CA GLN G 79 8.68 -10.77 0.16
C GLN G 79 9.43 -11.51 -0.96
N ARG G 80 10.67 -11.11 -1.24
CA ARG G 80 11.48 -11.77 -2.26
C ARG G 80 11.64 -13.26 -1.95
N PHE G 81 12.02 -13.59 -0.71
CA PHE G 81 12.18 -14.97 -0.29
C PHE G 81 10.92 -15.78 -0.53
N SER G 82 9.79 -15.25 -0.10
CA SER G 82 8.51 -15.90 -0.27
C SER G 82 8.21 -16.16 -1.75
N GLN G 83 8.42 -15.14 -2.59
CA GLN G 83 8.20 -15.31 -4.02
C GLN G 83 9.05 -16.46 -4.55
N THR G 84 10.34 -16.44 -4.23
CA THR G 84 11.24 -17.52 -4.65
C THR G 84 10.76 -18.87 -4.16
N CYS G 85 10.26 -18.94 -2.93
CA CYS G 85 9.70 -20.19 -2.43
C CYS G 85 8.53 -20.66 -3.28
N THR G 86 7.62 -19.73 -3.60
CA THR G 86 6.48 -20.08 -4.44
C THR G 86 6.95 -20.62 -5.79
N ASP G 87 8.02 -20.03 -6.31
CA ASP G 87 8.55 -20.46 -7.60
C ASP G 87 9.25 -21.81 -7.51
N LEU G 88 9.84 -22.13 -6.35
CA LEU G 88 10.57 -23.38 -6.20
C LEU G 88 9.71 -24.55 -5.77
N THR G 89 8.57 -24.30 -5.13
CA THR G 89 7.75 -25.40 -4.66
C THR G 89 7.00 -26.08 -5.79
N GLY G 90 6.98 -25.48 -6.98
CA GLY G 90 6.33 -26.06 -8.13
C GLY G 90 6.32 -25.12 -9.33
#